data_7X80
#
_entry.id   7X80
#
_cell.length_a   84.960
_cell.length_b   174.480
_cell.length_c   50.490
_cell.angle_alpha   90.000
_cell.angle_beta   90.000
_cell.angle_gamma   90.000
#
_symmetry.space_group_name_H-M   'C 2 2 21'
#
loop_
_entity.id
_entity.type
_entity.pdbx_description
1 polymer PloI4
2 non-polymer GLYCEROL
3 water water
#
_entity_poly.entity_id   1
_entity_poly.type   'polypeptide(L)'
_entity_poly.pdbx_seq_one_letter_code
;GSHMSTVTTINLEDIKEIMHTTIRLGGKPESGEAAELPIFLGSSVEFEAELYDADGTQIGTAKGTSVIFAEADGTVMQIV
SAFDDYTDGGRVTWSGAYTMFPTDEPKSVPAQGVSGRYRGLSGTRTFQLLERPDPGTSLVRSSLVLNG
;
_entity_poly.pdbx_strand_id   A,B
#
# COMPACT_ATOMS: atom_id res chain seq x y z
N GLY A 1 3.46 6.41 -17.16
CA GLY A 1 4.30 5.23 -17.06
C GLY A 1 5.45 5.28 -16.07
N SER A 2 6.03 4.14 -15.70
CA SER A 2 7.08 4.22 -14.72
C SER A 2 8.40 4.63 -15.35
N HIS A 3 9.40 4.84 -14.51
CA HIS A 3 10.72 5.29 -14.97
C HIS A 3 11.54 4.11 -15.45
N MET A 4 12.16 4.28 -16.61
CA MET A 4 12.97 3.20 -17.13
CA MET A 4 12.98 3.23 -17.19
C MET A 4 14.47 3.50 -17.08
N SER A 5 14.86 4.76 -16.89
CA SER A 5 16.27 5.07 -16.70
C SER A 5 16.80 4.41 -15.44
N THR A 6 17.98 3.81 -15.55
CA THR A 6 18.63 3.12 -14.44
C THR A 6 20.08 3.58 -14.32
N VAL A 7 20.26 4.91 -14.39
CA VAL A 7 21.56 5.57 -14.37
C VAL A 7 22.27 5.34 -13.03
N THR A 8 21.54 5.48 -11.93
CA THR A 8 22.05 5.26 -10.57
C THR A 8 21.40 4.02 -9.99
N THR A 9 22.19 3.18 -9.32
CA THR A 9 21.67 1.96 -8.73
C THR A 9 21.96 1.95 -7.23
N ILE A 10 20.97 1.55 -6.44
CA ILE A 10 21.17 1.19 -5.04
C ILE A 10 20.69 -0.24 -4.89
N ASN A 11 21.60 -1.12 -4.47
CA ASN A 11 21.31 -2.55 -4.35
C ASN A 11 21.67 -2.97 -2.93
N LEU A 12 20.66 -3.15 -2.09
CA LEU A 12 20.86 -3.64 -0.72
C LEU A 12 20.40 -5.09 -0.67
N GLU A 13 21.33 -6.00 -0.47
CA GLU A 13 21.02 -7.43 -0.39
C GLU A 13 21.28 -7.95 1.02
N ASP A 14 20.66 -9.09 1.31
CA ASP A 14 20.91 -9.85 2.53
C ASP A 14 20.67 -8.99 3.78
N ILE A 15 19.59 -8.20 3.74
CA ILE A 15 19.14 -7.48 4.92
C ILE A 15 18.52 -8.49 5.88
N LYS A 16 18.93 -8.44 7.15
CA LYS A 16 18.29 -9.27 8.17
C LYS A 16 17.31 -8.38 8.92
N GLU A 17 16.05 -8.80 8.96
CA GLU A 17 14.94 -7.98 9.43
C GLU A 17 14.31 -8.68 10.64
N ILE A 18 14.33 -8.03 11.79
CA ILE A 18 13.70 -8.54 13.00
C ILE A 18 12.39 -7.78 13.17
N MET A 19 11.27 -8.46 12.89
CA MET A 19 9.98 -7.81 12.75
C MET A 19 9.09 -8.10 13.96
N HIS A 20 8.58 -7.05 14.59
CA HIS A 20 7.70 -7.17 15.74
C HIS A 20 6.27 -6.91 15.28
N THR A 21 5.38 -7.88 15.52
CA THR A 21 4.07 -7.86 14.89
C THR A 21 2.95 -7.75 15.93
N THR A 22 1.91 -7.04 15.52
CA THR A 22 0.63 -7.00 16.22
C THR A 22 -0.38 -7.58 15.25
N ILE A 23 -0.92 -8.76 15.60
CA ILE A 23 -1.80 -9.56 14.76
C ILE A 23 -3.23 -9.45 15.25
N ARG A 24 -4.14 -9.19 14.31
CA ARG A 24 -5.57 -9.13 14.57
C ARG A 24 -6.30 -10.09 13.63
N LEU A 25 -7.21 -10.89 14.20
CA LEU A 25 -7.90 -11.92 13.41
C LEU A 25 -8.86 -11.29 12.41
N GLY A 26 -9.54 -10.22 12.79
CA GLY A 26 -10.57 -9.66 11.94
C GLY A 26 -11.84 -10.50 12.02
N GLY A 27 -12.63 -10.45 10.94
CA GLY A 27 -13.91 -11.12 10.90
C GLY A 27 -15.04 -10.14 10.69
N LYS A 28 -16.23 -10.51 11.16
CA LYS A 28 -17.37 -9.66 10.91
C LYS A 28 -17.42 -8.54 11.95
N PRO A 29 -17.71 -7.30 11.54
CA PRO A 29 -17.75 -6.21 12.53
C PRO A 29 -18.91 -6.42 13.50
N GLU A 30 -18.65 -6.14 14.78
CA GLU A 30 -19.62 -6.50 15.79
C GLU A 30 -20.49 -5.34 16.24
N SER A 31 -20.06 -4.09 16.01
CA SER A 31 -20.84 -2.94 16.47
C SER A 31 -20.80 -1.84 15.42
N GLY A 32 -21.63 -0.83 15.65
CA GLY A 32 -21.54 0.41 14.89
C GLY A 32 -22.05 0.32 13.47
N GLU A 33 -21.61 1.33 12.69
CA GLU A 33 -22.05 1.47 11.31
C GLU A 33 -21.61 0.29 10.46
N ALA A 34 -20.37 -0.18 10.67
CA ALA A 34 -19.85 -1.29 9.88
C ALA A 34 -20.68 -2.56 10.04
N ALA A 35 -21.28 -2.77 11.22
CA ALA A 35 -22.01 -4.01 11.47
C ALA A 35 -23.24 -4.13 10.58
N GLU A 36 -23.90 -3.00 10.29
CA GLU A 36 -25.04 -2.98 9.38
C GLU A 36 -24.65 -3.23 7.93
N LEU A 37 -23.36 -3.21 7.61
CA LEU A 37 -22.90 -3.32 6.24
C LEU A 37 -22.43 -4.74 5.94
N PRO A 38 -22.50 -5.19 4.69
CA PRO A 38 -21.92 -6.50 4.36
C PRO A 38 -20.43 -6.38 4.07
N ILE A 39 -19.64 -6.40 5.13
CA ILE A 39 -18.18 -6.29 5.04
C ILE A 39 -17.55 -7.28 5.99
N PHE A 40 -16.31 -7.64 5.68
CA PHE A 40 -15.46 -8.41 6.59
C PHE A 40 -14.18 -7.62 6.83
N LEU A 41 -13.73 -7.61 8.08
CA LEU A 41 -12.44 -7.06 8.42
C LEU A 41 -11.39 -8.11 8.12
N GLY A 42 -10.46 -7.79 7.22
CA GLY A 42 -9.38 -8.72 6.92
C GLY A 42 -8.49 -8.91 8.14
N SER A 43 -7.91 -10.11 8.25
CA SER A 43 -6.84 -10.34 9.20
C SER A 43 -5.70 -9.39 8.86
N SER A 44 -5.16 -8.72 9.89
CA SER A 44 -4.19 -7.65 9.67
C SER A 44 -2.95 -7.83 10.54
N VAL A 45 -1.83 -7.28 10.07
CA VAL A 45 -0.58 -7.26 10.83
C VAL A 45 -0.04 -5.84 10.78
N GLU A 46 0.13 -5.22 11.95
CA GLU A 46 0.88 -3.97 12.08
C GLU A 46 2.25 -4.30 12.64
N PHE A 47 3.30 -3.82 11.98
CA PHE A 47 4.62 -4.29 12.33
C PHE A 47 5.60 -3.13 12.40
N GLU A 48 6.59 -3.29 13.25
CA GLU A 48 7.80 -2.48 13.24
C GLU A 48 8.99 -3.43 13.29
N ALA A 49 10.03 -3.09 12.53
CA ALA A 49 11.17 -3.98 12.39
C ALA A 49 12.47 -3.19 12.45
N GLU A 50 13.49 -3.83 13.00
CA GLU A 50 14.85 -3.35 12.87
C GLU A 50 15.47 -4.08 11.69
N LEU A 51 16.24 -3.34 10.89
CA LEU A 51 16.90 -3.87 9.71
C LEU A 51 18.40 -3.93 9.99
N TYR A 52 19.02 -5.08 9.70
CA TYR A 52 20.47 -5.23 9.92
C TYR A 52 21.16 -5.66 8.63
N ASP A 53 22.43 -5.29 8.50
CA ASP A 53 23.26 -5.90 7.48
C ASP A 53 23.81 -7.24 7.99
N ALA A 54 24.58 -7.93 7.14
CA ALA A 54 25.00 -9.27 7.50
C ALA A 54 26.02 -9.32 8.63
N ASP A 55 26.57 -8.17 9.05
CA ASP A 55 27.50 -8.05 10.17
C ASP A 55 26.84 -7.79 11.52
N GLY A 56 25.52 -7.63 11.58
CA GLY A 56 24.86 -7.24 12.81
C GLY A 56 24.82 -5.74 13.09
N THR A 57 25.11 -4.91 12.09
CA THR A 57 24.96 -3.47 12.25
C THR A 57 23.56 -3.05 11.82
N GLN A 58 22.91 -2.24 12.65
CA GLN A 58 21.60 -1.75 12.27
C GLN A 58 21.73 -0.74 11.14
N ILE A 59 20.98 -0.96 10.07
CA ILE A 59 20.98 -0.07 8.92
C ILE A 59 19.67 0.69 8.77
N GLY A 60 18.67 0.35 9.56
CA GLY A 60 17.43 1.09 9.49
C GLY A 60 16.32 0.44 10.28
N THR A 61 15.12 0.94 10.03
CA THR A 61 13.90 0.40 10.62
C THR A 61 12.86 0.32 9.51
N ALA A 62 11.82 -0.45 9.75
CA ALA A 62 10.69 -0.50 8.84
C ALA A 62 9.41 -0.50 9.66
N LYS A 63 8.35 0.09 9.09
CA LYS A 63 7.03 0.10 9.69
C LYS A 63 5.97 -0.03 8.61
N GLY A 64 4.92 -0.80 8.89
CA GLY A 64 3.83 -0.87 7.94
C GLY A 64 2.68 -1.69 8.48
N THR A 65 1.70 -1.89 7.60
CA THR A 65 0.50 -2.71 7.82
C THR A 65 0.26 -3.63 6.64
N SER A 66 -0.14 -4.87 6.94
CA SER A 66 -0.55 -5.83 5.92
CA SER A 66 -0.58 -5.78 5.88
C SER A 66 -1.93 -6.36 6.26
N VAL A 67 -2.72 -6.69 5.23
CA VAL A 67 -4.08 -7.21 5.40
C VAL A 67 -4.29 -8.32 4.37
N ILE A 68 -4.99 -9.39 4.79
CA ILE A 68 -5.31 -10.50 3.89
C ILE A 68 -6.60 -10.22 3.15
N PHE A 69 -6.63 -10.57 1.87
CA PHE A 69 -7.84 -10.53 1.06
C PHE A 69 -7.72 -11.65 0.02
N ALA A 70 -8.63 -11.65 -0.96
CA ALA A 70 -8.58 -12.68 -2.00
C ALA A 70 -8.96 -12.10 -3.36
N GLU A 71 -8.43 -12.74 -4.40
CA GLU A 71 -8.83 -12.42 -5.76
C GLU A 71 -10.09 -13.20 -6.15
N ALA A 72 -10.62 -12.87 -7.33
CA ALA A 72 -11.90 -13.43 -7.77
C ALA A 72 -11.87 -14.96 -7.74
N ASP A 73 -10.82 -15.55 -8.31
CA ASP A 73 -10.69 -17.01 -8.30
C ASP A 73 -10.39 -17.58 -6.91
N GLY A 74 -10.37 -16.74 -5.87
CA GLY A 74 -10.13 -17.21 -4.53
C GLY A 74 -8.68 -17.29 -4.10
N THR A 75 -7.74 -16.87 -4.96
CA THR A 75 -6.34 -16.86 -4.57
C THR A 75 -6.13 -15.91 -3.39
N VAL A 76 -5.58 -16.42 -2.31
CA VAL A 76 -5.40 -15.60 -1.12
C VAL A 76 -4.21 -14.66 -1.32
N MET A 77 -4.42 -13.37 -1.03
CA MET A 77 -3.42 -12.31 -1.17
C MET A 77 -3.20 -11.55 0.13
N GLN A 78 -2.10 -10.79 0.16
CA GLN A 78 -1.87 -9.78 1.18
C GLN A 78 -1.64 -8.45 0.48
N ILE A 79 -2.12 -7.38 1.09
CA ILE A 79 -1.77 -6.03 0.66
C ILE A 79 -0.93 -5.42 1.78
N VAL A 80 0.13 -4.72 1.42
CA VAL A 80 1.00 -4.10 2.43
C VAL A 80 1.24 -2.65 2.02
N SER A 81 1.29 -1.77 3.01
CA SER A 81 1.75 -0.39 2.83
C SER A 81 2.79 -0.14 3.92
N ALA A 82 4.00 0.24 3.53
CA ALA A 82 5.10 0.30 4.50
C ALA A 82 6.16 1.28 4.02
N PHE A 83 7.19 1.46 4.86
CA PHE A 83 8.36 2.25 4.49
C PHE A 83 9.55 1.81 5.33
N ASP A 84 10.74 1.91 4.75
CA ASP A 84 12.02 1.77 5.44
C ASP A 84 12.59 3.17 5.71
N ASP A 85 13.15 3.36 6.91
CA ASP A 85 13.99 4.53 7.23
C ASP A 85 15.41 4.04 7.45
N TYR A 86 16.34 4.52 6.65
CA TYR A 86 17.71 4.04 6.77
C TYR A 86 18.58 4.99 7.60
N THR A 87 19.64 4.41 8.18
CA THR A 87 20.50 5.15 9.11
C THR A 87 21.21 6.32 8.44
N ASP A 88 21.29 6.35 7.11
CA ASP A 88 21.91 7.50 6.46
C ASP A 88 20.90 8.60 6.17
N GLY A 89 19.67 8.47 6.68
CA GLY A 89 18.76 9.59 6.72
C GLY A 89 17.77 9.67 5.57
N GLY A 90 17.52 8.58 4.87
CA GLY A 90 16.56 8.59 3.78
C GLY A 90 15.42 7.63 4.06
N ARG A 91 14.29 7.83 3.39
CA ARG A 91 13.13 6.94 3.51
C ARG A 91 12.80 6.33 2.16
N VAL A 92 12.40 5.05 2.17
CA VAL A 92 11.93 4.34 0.99
C VAL A 92 10.56 3.76 1.31
N THR A 93 9.52 4.21 0.60
CA THR A 93 8.20 3.61 0.75
C THR A 93 8.09 2.36 -0.10
N TRP A 94 7.19 1.45 0.29
CA TRP A 94 6.94 0.26 -0.50
C TRP A 94 5.55 -0.26 -0.17
N SER A 95 4.83 -0.69 -1.21
CA SER A 95 3.45 -1.12 -1.04
CA SER A 95 3.44 -1.07 -1.06
C SER A 95 3.01 -1.86 -2.28
N GLY A 96 2.05 -2.76 -2.08
CA GLY A 96 1.50 -3.53 -3.17
C GLY A 96 0.76 -4.73 -2.62
N ALA A 97 0.37 -5.61 -3.54
CA ALA A 97 -0.34 -6.83 -3.21
C ALA A 97 0.46 -8.00 -3.76
N TYR A 98 0.51 -9.09 -2.99
CA TYR A 98 1.27 -10.27 -3.38
C TYR A 98 0.51 -11.52 -2.97
N THR A 99 0.80 -12.63 -3.63
CA THR A 99 0.14 -13.88 -3.27
C THR A 99 0.66 -14.37 -1.93
N MET A 100 -0.27 -14.75 -1.04
CA MET A 100 0.09 -15.19 0.30
C MET A 100 0.91 -16.47 0.30
N PHE A 101 0.45 -17.47 -0.40
CA PHE A 101 0.99 -18.81 -0.30
C PHE A 101 1.83 -19.17 -1.52
N PRO A 102 2.93 -19.91 -1.34
CA PRO A 102 3.40 -20.39 -0.03
C PRO A 102 4.00 -19.27 0.81
N THR A 103 3.85 -19.35 2.14
CA THR A 103 4.29 -18.27 3.01
C THR A 103 5.80 -18.19 3.18
N ASP A 104 6.56 -19.15 2.67
CA ASP A 104 8.02 -19.17 2.87
C ASP A 104 8.81 -18.78 1.63
N GLU A 105 8.16 -18.44 0.53
CA GLU A 105 8.92 -17.99 -0.63
C GLU A 105 9.11 -16.48 -0.60
N PRO A 106 10.10 -15.98 -1.34
CA PRO A 106 10.28 -14.52 -1.43
C PRO A 106 9.05 -13.85 -2.06
N LYS A 107 8.64 -12.74 -1.46
CA LYS A 107 7.60 -11.86 -1.97
C LYS A 107 8.22 -10.52 -2.31
N SER A 108 7.48 -9.69 -3.03
CA SER A 108 8.01 -8.37 -3.37
C SER A 108 6.88 -7.45 -3.80
N VAL A 109 7.09 -6.17 -3.57
CA VAL A 109 6.20 -5.09 -4.04
C VAL A 109 7.07 -3.94 -4.51
N PRO A 110 6.48 -3.00 -5.26
CA PRO A 110 7.28 -1.86 -5.75
C PRO A 110 7.68 -0.94 -4.60
N ALA A 111 8.82 -0.28 -4.80
CA ALA A 111 9.42 0.58 -3.78
C ALA A 111 9.79 1.92 -4.41
N GLN A 112 9.71 2.97 -3.61
CA GLN A 112 9.98 4.33 -4.07
C GLN A 112 10.90 5.02 -3.07
N GLY A 113 12.03 5.52 -3.56
CA GLY A 113 12.89 6.35 -2.72
C GLY A 113 12.30 7.74 -2.63
N VAL A 114 12.10 8.21 -1.39
CA VAL A 114 11.41 9.45 -1.12
CA VAL A 114 11.43 9.49 -1.20
C VAL A 114 12.36 10.56 -0.64
N SER A 115 13.44 10.20 0.04
CA SER A 115 14.32 11.21 0.62
C SER A 115 15.73 10.67 0.77
N GLY A 116 16.64 11.57 1.15
CA GLY A 116 18.00 11.12 1.28
C GLY A 116 18.55 10.68 -0.06
N ARG A 117 19.53 9.75 -0.02
CA ARG A 117 20.15 9.29 -1.25
C ARG A 117 19.20 8.46 -2.11
N TYR A 118 18.03 8.08 -1.58
CA TYR A 118 17.05 7.27 -2.30
C TYR A 118 16.10 8.11 -3.16
N ARG A 119 16.00 9.42 -2.92
CA ARG A 119 14.98 10.24 -3.59
C ARG A 119 15.01 10.10 -5.09
N GLY A 120 13.84 9.87 -5.68
CA GLY A 120 13.72 9.79 -7.13
C GLY A 120 14.07 8.45 -7.74
N LEU A 121 14.54 7.48 -6.94
CA LEU A 121 14.80 6.15 -7.45
C LEU A 121 13.59 5.26 -7.16
N SER A 122 13.46 4.21 -7.96
CA SER A 122 12.31 3.30 -7.87
C SER A 122 12.77 1.88 -8.16
N GLY A 123 11.99 0.92 -7.68
CA GLY A 123 12.37 -0.46 -7.89
C GLY A 123 11.51 -1.38 -7.07
N THR A 124 12.14 -2.28 -6.32
CA THR A 124 11.47 -3.42 -5.71
C THR A 124 11.99 -3.64 -4.30
N ARG A 125 11.07 -3.88 -3.37
CA ARG A 125 11.39 -4.30 -2.02
C ARG A 125 11.01 -5.77 -1.90
N THR A 126 11.97 -6.63 -1.54
CA THR A 126 11.62 -8.03 -1.37
C THR A 126 11.68 -8.41 0.11
N PHE A 127 10.97 -9.49 0.44
CA PHE A 127 10.95 -9.96 1.83
C PHE A 127 10.53 -11.42 1.84
N GLN A 128 11.20 -12.20 2.68
CA GLN A 128 10.99 -13.65 2.78
C GLN A 128 10.96 -14.02 4.25
N LEU A 129 9.83 -14.57 4.69
CA LEU A 129 9.69 -15.04 6.06
C LEU A 129 10.57 -16.26 6.29
N LEU A 130 11.51 -16.17 7.23
CA LEU A 130 12.40 -17.30 7.53
C LEU A 130 11.90 -18.12 8.71
N GLU A 131 11.49 -17.48 9.80
CA GLU A 131 10.91 -18.22 10.92
C GLU A 131 10.15 -17.26 11.81
N ARG A 132 9.39 -17.85 12.73
CA ARG A 132 8.62 -17.13 13.72
CA ARG A 132 8.60 -17.14 13.73
CA ARG A 132 8.61 -17.12 13.73
C ARG A 132 9.08 -17.63 15.09
N PRO A 133 10.14 -17.06 15.65
CA PRO A 133 10.66 -17.59 16.92
C PRO A 133 9.72 -17.43 18.10
N ASP A 134 8.71 -16.56 18.01
CA ASP A 134 7.62 -16.57 18.98
C ASP A 134 6.40 -15.92 18.32
N PRO A 135 5.24 -15.96 18.96
CA PRO A 135 4.03 -15.44 18.28
C PRO A 135 4.07 -13.95 17.97
N GLY A 136 5.01 -13.21 18.55
CA GLY A 136 5.10 -11.78 18.28
C GLY A 136 6.22 -11.35 17.36
N THR A 137 6.96 -12.29 16.76
CA THR A 137 8.21 -11.99 16.06
C THR A 137 8.34 -12.81 14.79
N SER A 138 8.76 -12.14 13.72
CA SER A 138 9.11 -12.78 12.45
C SER A 138 10.54 -12.37 12.08
N LEU A 139 11.35 -13.36 11.69
CA LEU A 139 12.67 -13.11 11.13
C LEU A 139 12.57 -13.20 9.62
N VAL A 140 13.00 -12.15 8.95
CA VAL A 140 12.73 -11.96 7.52
C VAL A 140 14.06 -11.67 6.83
N ARG A 141 14.25 -12.27 5.66
CA ARG A 141 15.35 -11.93 4.78
CA ARG A 141 15.36 -11.95 4.78
C ARG A 141 14.84 -11.00 3.71
N SER A 142 15.48 -9.84 3.58
CA SER A 142 14.97 -8.75 2.77
C SER A 142 16.05 -8.23 1.81
N SER A 143 15.58 -7.56 0.78
CA SER A 143 16.49 -6.87 -0.12
C SER A 143 15.74 -5.69 -0.74
N LEU A 144 16.51 -4.75 -1.27
CA LEU A 144 15.94 -3.55 -1.86
C LEU A 144 16.77 -3.19 -3.08
N VAL A 145 16.11 -3.03 -4.21
CA VAL A 145 16.82 -2.62 -5.43
C VAL A 145 16.13 -1.38 -5.95
N LEU A 146 16.88 -0.29 -6.09
CA LEU A 146 16.35 0.96 -6.61
C LEU A 146 17.26 1.46 -7.73
N ASN A 147 16.64 2.04 -8.74
CA ASN A 147 17.41 2.69 -9.78
C ASN A 147 16.62 3.87 -10.31
N GLY A 148 17.33 4.76 -11.00
CA GLY A 148 16.69 5.94 -11.54
C GLY A 148 17.67 6.89 -12.16
N VAL B 7 11.88 25.82 -5.05
CA VAL B 7 11.30 24.59 -4.51
C VAL B 7 10.00 24.23 -5.25
N THR B 8 10.00 23.05 -5.87
CA THR B 8 8.91 22.64 -6.74
C THR B 8 7.69 22.24 -5.92
N THR B 9 6.52 22.73 -6.34
CA THR B 9 5.25 22.36 -5.72
C THR B 9 4.26 22.08 -6.82
N ILE B 10 3.51 20.99 -6.68
CA ILE B 10 2.55 20.59 -7.69
C ILE B 10 1.21 20.42 -7.00
N ASN B 11 0.16 20.93 -7.64
CA ASN B 11 -1.06 21.13 -6.88
C ASN B 11 -2.25 20.93 -7.83
N LEU B 12 -2.75 19.70 -7.90
CA LEU B 12 -3.89 19.39 -8.76
C LEU B 12 -5.15 19.29 -7.92
N GLU B 13 -6.11 20.18 -8.19
CA GLU B 13 -7.35 20.30 -7.45
C GLU B 13 -8.52 19.88 -8.33
N ASP B 14 -9.62 19.50 -7.69
CA ASP B 14 -10.89 19.20 -8.38
C ASP B 14 -10.70 18.19 -9.51
N ILE B 15 -9.88 17.16 -9.27
CA ILE B 15 -9.79 16.06 -10.19
C ILE B 15 -11.11 15.30 -10.17
N LYS B 16 -11.70 15.10 -11.34
CA LYS B 16 -12.83 14.19 -11.47
C LYS B 16 -12.30 12.79 -11.73
N GLU B 17 -12.66 11.85 -10.86
CA GLU B 17 -12.12 10.50 -10.93
C GLU B 17 -13.28 9.52 -11.14
N ILE B 18 -13.31 8.89 -12.32
CA ILE B 18 -14.35 7.93 -12.67
C ILE B 18 -13.78 6.54 -12.40
N MET B 19 -14.26 5.89 -11.34
CA MET B 19 -13.54 4.74 -10.83
C MET B 19 -14.36 3.48 -11.10
N HIS B 20 -13.80 2.58 -11.90
CA HIS B 20 -14.41 1.29 -12.23
C HIS B 20 -13.97 0.28 -11.17
N THR B 21 -14.91 -0.20 -10.38
CA THR B 21 -14.63 -0.98 -9.18
C THR B 21 -15.06 -2.43 -9.37
N THR B 22 -14.21 -3.35 -8.89
CA THR B 22 -14.61 -4.75 -8.67
C THR B 22 -14.56 -4.98 -7.17
N ILE B 23 -15.73 -5.20 -6.57
CA ILE B 23 -15.84 -5.24 -5.11
C ILE B 23 -16.09 -6.68 -4.68
N ARG B 24 -15.39 -7.09 -3.63
CA ARG B 24 -15.42 -8.47 -3.14
C ARG B 24 -15.74 -8.48 -1.65
N LEU B 25 -16.64 -9.35 -1.23
CA LEU B 25 -17.11 -9.39 0.16
C LEU B 25 -16.02 -9.89 1.10
N GLY B 26 -15.25 -10.89 0.70
CA GLY B 26 -14.35 -11.56 1.62
C GLY B 26 -15.10 -12.52 2.55
N GLY B 27 -14.48 -12.88 3.68
CA GLY B 27 -15.08 -13.77 4.64
C GLY B 27 -14.12 -14.86 5.09
N LYS B 28 -14.66 -15.88 5.74
CA LYS B 28 -13.85 -17.05 6.14
C LYS B 28 -13.48 -17.92 4.96
N PRO B 29 -12.21 -18.25 4.80
CA PRO B 29 -11.81 -19.24 3.80
C PRO B 29 -12.47 -20.58 4.07
N GLU B 30 -12.75 -21.31 2.99
CA GLU B 30 -13.46 -22.58 3.06
C GLU B 30 -12.58 -23.76 2.71
N SER B 31 -11.51 -23.53 1.96
CA SER B 31 -10.61 -24.58 1.51
C SER B 31 -9.23 -23.99 1.30
N GLY B 32 -8.24 -24.86 1.14
CA GLY B 32 -6.88 -24.43 0.91
C GLY B 32 -6.14 -24.18 2.22
N GLU B 33 -4.87 -23.79 2.08
CA GLU B 33 -4.05 -23.52 3.26
C GLU B 33 -4.71 -22.52 4.18
N ALA B 34 -5.39 -21.51 3.61
CA ALA B 34 -5.92 -20.44 4.44
C ALA B 34 -7.01 -20.96 5.37
N ALA B 35 -7.70 -22.03 4.99
CA ALA B 35 -8.73 -22.58 5.85
C ALA B 35 -8.15 -23.26 7.10
N GLU B 36 -6.87 -23.60 7.09
CA GLU B 36 -6.24 -24.19 8.27
C GLU B 36 -5.48 -23.16 9.09
N LEU B 37 -5.69 -21.89 8.86
CA LEU B 37 -4.96 -20.83 9.55
C LEU B 37 -5.97 -19.83 10.12
N PRO B 38 -5.56 -19.06 11.15
CA PRO B 38 -6.45 -18.01 11.67
C PRO B 38 -6.53 -16.80 10.75
N ILE B 39 -7.42 -16.86 9.77
CA ILE B 39 -7.43 -15.89 8.67
C ILE B 39 -8.88 -15.53 8.35
N PHE B 40 -9.16 -14.24 8.19
CA PHE B 40 -10.34 -13.75 7.49
C PHE B 40 -9.89 -12.97 6.26
N LEU B 41 -10.62 -13.14 5.17
CA LEU B 41 -10.40 -12.36 3.96
C LEU B 41 -11.19 -11.06 4.05
N GLY B 42 -10.49 -9.94 3.98
CA GLY B 42 -11.18 -8.65 4.08
C GLY B 42 -11.92 -8.33 2.80
N SER B 43 -13.00 -7.56 2.96
CA SER B 43 -13.65 -6.95 1.81
C SER B 43 -12.65 -6.08 1.07
N SER B 44 -12.65 -6.21 -0.25
CA SER B 44 -11.65 -5.55 -1.09
C SER B 44 -12.34 -4.82 -2.25
N VAL B 45 -11.65 -3.80 -2.73
CA VAL B 45 -12.03 -3.07 -3.94
C VAL B 45 -10.81 -3.06 -4.84
N GLU B 46 -10.93 -3.64 -6.02
CA GLU B 46 -9.93 -3.46 -7.06
C GLU B 46 -10.49 -2.47 -8.08
N PHE B 47 -9.73 -1.42 -8.38
CA PHE B 47 -10.26 -0.37 -9.23
C PHE B 47 -9.30 0.05 -10.32
N GLU B 48 -9.89 0.53 -11.41
CA GLU B 48 -9.20 1.34 -12.41
C GLU B 48 -10.05 2.58 -12.63
N ALA B 49 -9.38 3.71 -12.90
CA ALA B 49 -10.07 4.98 -12.96
C ALA B 49 -9.51 5.84 -14.11
N GLU B 50 -10.37 6.69 -14.65
CA GLU B 50 -9.96 7.78 -15.50
C GLU B 50 -9.97 9.06 -14.68
N LEU B 51 -8.93 9.89 -14.89
CA LEU B 51 -8.74 11.14 -14.18
C LEU B 51 -8.95 12.32 -15.14
N TYR B 52 -9.75 13.27 -14.73
CA TYR B 52 -10.09 14.44 -15.55
C TYR B 52 -9.82 15.71 -14.76
N ASP B 53 -9.44 16.78 -15.45
CA ASP B 53 -9.32 18.05 -14.76
C ASP B 53 -10.72 18.67 -14.61
N ALA B 54 -10.78 19.84 -13.98
CA ALA B 54 -12.05 20.46 -13.67
C ALA B 54 -12.79 20.96 -14.91
N ASP B 55 -12.14 20.99 -16.07
CA ASP B 55 -12.85 21.28 -17.32
C ASP B 55 -13.33 20.02 -18.03
N GLY B 56 -13.03 18.83 -17.50
CA GLY B 56 -13.46 17.60 -18.14
C GLY B 56 -12.45 16.99 -19.09
N THR B 57 -11.28 17.60 -19.25
CA THR B 57 -10.24 17.03 -20.09
C THR B 57 -9.53 15.90 -19.35
N GLN B 58 -9.40 14.74 -19.98
CA GLN B 58 -8.69 13.65 -19.33
C GLN B 58 -7.22 14.02 -19.09
N ILE B 59 -6.74 13.79 -17.87
CA ILE B 59 -5.35 14.04 -17.52
C ILE B 59 -4.60 12.77 -17.16
N GLY B 60 -5.27 11.64 -17.00
CA GLY B 60 -4.56 10.42 -16.69
C GLY B 60 -5.52 9.32 -16.24
N THR B 61 -4.94 8.35 -15.54
CA THR B 61 -5.65 7.16 -15.10
C THR B 61 -5.11 6.76 -13.74
N ALA B 62 -5.84 5.89 -13.05
CA ALA B 62 -5.36 5.36 -11.79
C ALA B 62 -5.74 3.88 -11.70
N LYS B 63 -5.07 3.18 -10.80
CA LYS B 63 -5.30 1.75 -10.61
C LYS B 63 -4.82 1.39 -9.22
N GLY B 64 -5.58 0.57 -8.51
CA GLY B 64 -5.19 0.23 -7.16
C GLY B 64 -6.10 -0.81 -6.54
N THR B 65 -5.81 -1.08 -5.28
CA THR B 65 -6.56 -2.03 -4.46
C THR B 65 -6.73 -1.44 -3.07
N SER B 66 -7.92 -1.58 -2.51
CA SER B 66 -8.11 -1.27 -1.09
C SER B 66 -8.79 -2.45 -0.40
N VAL B 67 -8.51 -2.61 0.90
CA VAL B 67 -9.01 -3.72 1.70
C VAL B 67 -9.43 -3.19 3.08
N ILE B 68 -10.55 -3.67 3.61
CA ILE B 68 -11.05 -3.25 4.91
C ILE B 68 -10.37 -4.06 6.02
N PHE B 69 -10.02 -3.38 7.12
CA PHE B 69 -9.54 -4.04 8.33
C PHE B 69 -9.89 -3.17 9.53
N ALA B 70 -9.43 -3.55 10.72
CA ALA B 70 -9.79 -2.77 11.90
C ALA B 70 -8.62 -2.67 12.87
N GLU B 71 -8.60 -1.56 13.59
CA GLU B 71 -7.60 -1.35 14.62
CA GLU B 71 -7.65 -1.25 14.64
C GLU B 71 -8.13 -1.81 15.98
N ALA B 72 -7.20 -1.92 16.94
CA ALA B 72 -7.55 -2.43 18.26
C ALA B 72 -8.68 -1.63 18.88
N ASP B 73 -8.64 -0.29 18.74
CA ASP B 73 -9.67 0.67 19.13
CA ASP B 73 -9.71 0.46 19.38
C ASP B 73 -11.07 0.26 18.72
N GLY B 74 -11.15 -0.56 17.67
CA GLY B 74 -12.40 -0.80 16.98
C GLY B 74 -12.59 0.06 15.75
N THR B 75 -11.64 0.95 15.44
CA THR B 75 -11.76 1.81 14.27
C THR B 75 -11.67 0.98 12.99
N VAL B 76 -12.72 1.03 12.18
CA VAL B 76 -12.69 0.37 10.88
C VAL B 76 -11.87 1.19 9.91
N MET B 77 -10.91 0.54 9.26
CA MET B 77 -9.89 1.19 8.47
C MET B 77 -9.97 0.60 7.06
N GLN B 78 -9.38 1.31 6.09
CA GLN B 78 -9.07 0.73 4.80
C GLN B 78 -7.61 0.97 4.52
N ILE B 79 -6.95 -0.02 3.93
CA ILE B 79 -5.60 0.13 3.40
C ILE B 79 -5.72 0.18 1.89
N VAL B 80 -4.95 1.07 1.25
CA VAL B 80 -4.97 1.17 -0.20
C VAL B 80 -3.54 1.18 -0.70
N SER B 81 -3.32 0.57 -1.87
CA SER B 81 -2.06 0.71 -2.60
C SER B 81 -2.42 0.96 -4.05
N ALA B 82 -1.93 2.05 -4.61
CA ALA B 82 -2.42 2.50 -5.91
C ALA B 82 -1.37 3.38 -6.57
N PHE B 83 -1.65 3.80 -7.80
CA PHE B 83 -0.80 4.74 -8.49
C PHE B 83 -1.65 5.49 -9.51
N ASP B 84 -1.22 6.72 -9.80
CA ASP B 84 -1.73 7.53 -10.90
C ASP B 84 -0.69 7.53 -12.00
N ASP B 85 -1.14 7.50 -13.26
CA ASP B 85 -0.35 7.91 -14.42
C ASP B 85 -0.94 9.19 -15.02
N TYR B 86 -0.16 10.26 -14.99
CA TYR B 86 -0.58 11.54 -15.57
C TYR B 86 0.14 11.68 -16.91
N THR B 87 -0.65 11.85 -17.99
CA THR B 87 -0.08 12.04 -19.32
C THR B 87 1.02 13.10 -19.29
N ASP B 88 0.74 14.24 -18.66
CA ASP B 88 1.73 15.30 -18.57
C ASP B 88 2.78 14.97 -17.51
N GLY B 89 2.34 14.67 -16.28
CA GLY B 89 3.25 14.71 -15.14
C GLY B 89 4.10 13.49 -14.88
N GLY B 90 3.65 12.29 -15.27
CA GLY B 90 4.31 11.05 -14.94
C GLY B 90 3.52 10.23 -13.91
N ARG B 91 4.17 9.20 -13.37
CA ARG B 91 3.51 8.28 -12.43
C ARG B 91 3.70 8.73 -10.98
N VAL B 92 2.64 8.63 -10.20
CA VAL B 92 2.63 8.95 -8.78
C VAL B 92 2.02 7.77 -8.04
N THR B 93 2.83 7.06 -7.24
CA THR B 93 2.28 6.01 -6.38
C THR B 93 1.64 6.66 -5.16
N TRP B 94 0.65 5.97 -4.58
CA TRP B 94 0.10 6.43 -3.31
C TRP B 94 -0.42 5.23 -2.54
N SER B 95 -0.30 5.30 -1.21
CA SER B 95 -0.61 4.15 -0.36
CA SER B 95 -0.67 4.17 -0.37
C SER B 95 -0.65 4.58 1.10
N GLY B 96 -1.52 3.94 1.85
CA GLY B 96 -1.61 4.16 3.29
C GLY B 96 -2.90 3.58 3.80
N ALA B 97 -3.12 3.75 5.10
CA ALA B 97 -4.40 3.42 5.72
C ALA B 97 -5.16 4.69 6.09
N TYR B 98 -6.48 4.63 5.99
CA TYR B 98 -7.35 5.76 6.33
C TYR B 98 -8.62 5.20 6.97
N THR B 99 -9.29 6.04 7.74
CA THR B 99 -10.54 5.63 8.37
C THR B 99 -11.63 5.43 7.33
N MET B 100 -12.39 4.34 7.49
CA MET B 100 -13.48 4.10 6.56
C MET B 100 -14.62 5.09 6.77
N PHE B 101 -14.95 5.38 8.01
CA PHE B 101 -16.13 6.16 8.31
C PHE B 101 -15.75 7.54 8.82
N PRO B 102 -16.49 8.59 8.42
CA PRO B 102 -17.65 8.49 7.52
C PRO B 102 -17.25 8.29 6.06
N THR B 103 -18.10 7.60 5.29
CA THR B 103 -17.69 7.22 3.94
C THR B 103 -17.70 8.38 2.95
N ASP B 104 -18.33 9.50 3.29
CA ASP B 104 -18.49 10.60 2.34
C ASP B 104 -17.48 11.73 2.54
N GLU B 105 -16.59 11.65 3.55
CA GLU B 105 -15.58 12.69 3.75
C GLU B 105 -14.34 12.44 2.91
N PRO B 106 -13.53 13.48 2.66
CA PRO B 106 -12.28 13.27 1.91
C PRO B 106 -11.29 12.46 2.73
N LYS B 107 -10.58 11.58 2.04
CA LYS B 107 -9.55 10.74 2.65
C LYS B 107 -8.22 11.07 2.01
N SER B 108 -7.12 10.82 2.72
CA SER B 108 -5.81 11.11 2.15
CA SER B 108 -5.81 11.14 2.19
C SER B 108 -4.77 10.13 2.66
N VAL B 109 -3.84 9.78 1.78
CA VAL B 109 -2.67 8.97 2.12
C VAL B 109 -1.47 9.59 1.42
N PRO B 110 -0.26 9.23 1.86
CA PRO B 110 0.95 9.79 1.22
C PRO B 110 1.11 9.34 -0.22
N ALA B 111 1.74 10.20 -1.02
CA ALA B 111 1.96 9.96 -2.43
C ALA B 111 3.42 10.24 -2.77
N GLN B 112 3.93 9.55 -3.77
CA GLN B 112 5.31 9.68 -4.21
C GLN B 112 5.33 9.82 -5.73
N GLY B 113 5.94 10.88 -6.24
CA GLY B 113 6.15 10.96 -7.69
C GLY B 113 7.38 10.16 -8.05
N VAL B 114 7.28 9.32 -9.09
CA VAL B 114 8.36 8.40 -9.44
C VAL B 114 8.83 8.50 -10.87
N SER B 115 8.24 9.33 -11.72
CA SER B 115 8.65 9.41 -13.11
C SER B 115 8.18 10.73 -13.69
N GLY B 116 8.70 11.05 -14.88
CA GLY B 116 8.36 12.31 -15.53
C GLY B 116 8.76 13.48 -14.67
N ARG B 117 8.05 14.59 -14.84
CA ARG B 117 8.32 15.80 -14.07
CA ARG B 117 8.39 15.76 -14.05
CA ARG B 117 8.32 15.80 -14.07
C ARG B 117 7.91 15.65 -12.60
N TYR B 118 7.26 14.57 -12.23
CA TYR B 118 6.84 14.41 -10.85
C TYR B 118 7.89 13.68 -10.01
N ARG B 119 8.94 13.13 -10.64
CA ARG B 119 9.92 12.29 -9.97
CA ARG B 119 9.91 12.31 -9.94
C ARG B 119 10.54 12.99 -8.75
N GLY B 120 10.58 12.27 -7.63
CA GLY B 120 11.31 12.76 -6.50
C GLY B 120 10.59 13.79 -5.67
N LEU B 121 9.35 14.12 -6.04
CA LEU B 121 8.49 14.93 -5.19
C LEU B 121 7.58 13.98 -4.40
N SER B 122 7.19 14.38 -3.21
CA SER B 122 6.28 13.56 -2.43
C SER B 122 5.27 14.48 -1.75
N GLY B 123 4.16 13.89 -1.35
CA GLY B 123 3.11 14.63 -0.70
C GLY B 123 1.93 13.75 -0.35
N THR B 124 0.76 14.13 -0.85
CA THR B 124 -0.51 13.58 -0.35
C THR B 124 -1.47 13.41 -1.50
N ARG B 125 -2.12 12.24 -1.56
CA ARG B 125 -3.19 11.98 -2.51
C ARG B 125 -4.51 11.99 -1.77
N THR B 126 -5.47 12.74 -2.28
CA THR B 126 -6.77 12.86 -1.65
C THR B 126 -7.87 12.38 -2.60
N PHE B 127 -8.94 11.90 -2.00
CA PHE B 127 -10.06 11.24 -2.65
C PHE B 127 -11.28 11.22 -1.74
N GLN B 128 -12.40 11.64 -2.32
CA GLN B 128 -13.68 11.78 -1.63
C GLN B 128 -14.77 11.15 -2.50
N LEU B 129 -15.50 10.18 -1.94
CA LEU B 129 -16.59 9.52 -2.66
C LEU B 129 -17.79 10.46 -2.78
N LEU B 130 -18.17 10.80 -4.02
CA LEU B 130 -19.38 11.60 -4.23
C LEU B 130 -20.61 10.74 -4.50
N GLU B 131 -20.49 9.77 -5.42
CA GLU B 131 -21.62 8.95 -5.83
C GLU B 131 -21.13 7.53 -6.06
N ARG B 132 -21.85 6.56 -5.49
CA ARG B 132 -21.65 5.15 -5.79
C ARG B 132 -22.99 4.59 -6.26
N PRO B 133 -23.36 4.84 -7.52
CA PRO B 133 -24.69 4.43 -7.99
C PRO B 133 -24.85 2.93 -8.13
N ASP B 134 -23.77 2.18 -8.28
CA ASP B 134 -23.83 0.73 -8.42
C ASP B 134 -22.47 0.17 -8.04
N PRO B 135 -22.36 -1.15 -7.82
CA PRO B 135 -21.07 -1.71 -7.40
C PRO B 135 -20.00 -1.70 -8.48
N GLY B 136 -20.28 -1.17 -9.67
CA GLY B 136 -19.33 -1.20 -10.76
C GLY B 136 -18.58 0.10 -11.02
N THR B 137 -19.13 1.23 -10.58
CA THR B 137 -18.53 2.52 -10.87
C THR B 137 -18.83 3.50 -9.74
N SER B 138 -17.84 4.34 -9.40
CA SER B 138 -18.00 5.42 -8.45
C SER B 138 -17.49 6.73 -9.05
N LEU B 139 -18.11 7.82 -8.62
CA LEU B 139 -17.65 9.18 -8.90
C LEU B 139 -16.89 9.70 -7.68
N VAL B 140 -15.62 10.04 -7.90
CA VAL B 140 -14.75 10.47 -6.82
C VAL B 140 -14.20 11.86 -7.16
N ARG B 141 -14.15 12.73 -6.16
CA ARG B 141 -13.47 14.01 -6.26
C ARG B 141 -12.10 13.89 -5.61
N SER B 142 -11.06 14.25 -6.34
CA SER B 142 -9.70 13.90 -5.95
C SER B 142 -8.77 15.11 -6.06
N SER B 143 -7.62 15.00 -5.42
CA SER B 143 -6.63 16.05 -5.53
C SER B 143 -5.27 15.47 -5.15
N LEU B 144 -4.23 16.18 -5.56
CA LEU B 144 -2.87 15.73 -5.35
C LEU B 144 -2.01 16.94 -5.05
N VAL B 145 -1.19 16.84 -4.02
CA VAL B 145 -0.14 17.82 -3.78
C VAL B 145 1.18 17.09 -3.63
N LEU B 146 2.20 17.58 -4.33
CA LEU B 146 3.56 17.07 -4.27
C LEU B 146 4.52 18.24 -4.07
N ASN B 147 5.62 18.00 -3.36
CA ASN B 147 6.66 19.02 -3.38
C ASN B 147 8.00 18.42 -2.96
N GLY B 148 9.05 19.22 -3.16
CA GLY B 148 10.40 18.84 -2.80
C GLY B 148 11.40 19.76 -3.48
#